data_5SBK
#
_entry.id   5SBK
#
_cell.length_a   30.700
_cell.length_b   81.450
_cell.length_c   31.980
_cell.angle_alpha   90.000
_cell.angle_beta   117.850
_cell.angle_gamma   90.000
#
_symmetry.space_group_name_H-M   'P 1 21 1'
#
loop_
_entity.id
_entity.type
_entity.pdbx_description
1 polymer 'CD44 antigen'
2 non-polymer N-[(3R)-piperidin-3-yl]benzamide
3 non-polymer 'DIMETHYL SULFOXIDE'
4 non-polymer 1,2-ETHANEDIOL
5 water water
#
_entity_poly.entity_id   1
_entity_poly.type   'polypeptide(L)'
_entity_poly.pdbx_seq_one_letter_code
;MNQIDLNVTCRYAGVFHVEKNGRYSISRTEAADLCQAFNSTLPTMDQMKLALSKGFETCRYGFIEGNVVIPRIHPNAICA
ANHTGVYILVTSNTSHYDTYCFNASAPPEEDCTSVTDLPNSFDGPVTITIVNRDGTRYSKKGEYRTHQEDID
;
_entity_poly.pdbx_strand_id   A
#
loop_
_chem_comp.id
_chem_comp.type
_chem_comp.name
_chem_comp.formula
89W non-polymer N-[(3R)-piperidin-3-yl]benzamide 'C12 H16 N2 O'
DMS non-polymer 'DIMETHYL SULFOXIDE' 'C2 H6 O S'
EDO non-polymer 1,2-ETHANEDIOL 'C2 H6 O2'
#
# COMPACT_ATOMS: atom_id res chain seq x y z
N ASN A 2 5.44 21.06 2.37
CA ASN A 2 4.46 20.18 3.00
C ASN A 2 4.07 19.12 1.99
N GLN A 3 4.87 18.05 1.88
CA GLN A 3 4.69 17.04 0.86
C GLN A 3 4.72 15.63 1.37
N ILE A 4 3.91 14.77 0.74
CA ILE A 4 3.93 13.35 1.01
C ILE A 4 4.01 12.63 -0.34
N ASP A 5 4.96 11.71 -0.49
N ASP A 5 4.93 11.69 -0.48
CA ASP A 5 5.12 10.89 -1.70
CA ASP A 5 5.07 10.87 -1.67
C ASP A 5 4.53 9.53 -1.36
C ASP A 5 4.54 9.50 -1.37
N LEU A 6 3.70 8.98 -2.25
CA LEU A 6 3.11 7.68 -2.08
C LEU A 6 3.50 6.83 -3.26
N ASN A 7 4.48 5.93 -3.09
CA ASN A 7 4.84 5.02 -4.14
C ASN A 7 3.84 3.87 -4.15
N VAL A 8 3.23 3.64 -5.30
CA VAL A 8 2.22 2.59 -5.44
C VAL A 8 2.62 1.57 -6.50
N THR A 9 2.00 0.39 -6.43
CA THR A 9 2.30 -0.68 -7.35
C THR A 9 1.11 -0.94 -8.30
N CYS A 10 1.27 -1.97 -9.16
CA CYS A 10 0.21 -2.67 -9.85
C CYS A 10 -0.81 -3.11 -8.80
N ARG A 11 -2.03 -3.30 -9.25
CA ARG A 11 -3.04 -3.91 -8.43
C ARG A 11 -3.16 -5.35 -8.89
N TYR A 12 -3.32 -6.26 -7.95
CA TYR A 12 -3.52 -7.68 -8.27
C TYR A 12 -4.78 -8.06 -7.55
N ALA A 13 -5.85 -8.37 -8.29
CA ALA A 13 -7.15 -8.66 -7.67
C ALA A 13 -7.54 -7.51 -6.70
N GLY A 14 -7.20 -6.27 -7.09
CA GLY A 14 -7.50 -5.06 -6.33
C GLY A 14 -6.53 -4.72 -5.22
N VAL A 15 -5.57 -5.57 -4.96
CA VAL A 15 -4.64 -5.33 -3.85
C VAL A 15 -3.41 -4.66 -4.40
N PHE A 16 -2.92 -3.65 -3.71
CA PHE A 16 -1.69 -2.97 -4.12
C PHE A 16 -0.90 -2.54 -2.90
N HIS A 17 0.35 -2.20 -3.10
CA HIS A 17 1.27 -1.78 -2.06
C HIS A 17 1.49 -0.28 -2.13
N VAL A 18 1.61 0.36 -0.96
CA VAL A 18 1.83 1.79 -0.86
C VAL A 18 2.97 2.00 0.13
N GLU A 19 3.98 2.72 -0.31
CA GLU A 19 5.11 3.08 0.55
C GLU A 19 5.09 4.57 0.69
N LYS A 20 5.17 5.09 1.92
CA LYS A 20 5.13 6.52 2.11
CA LYS A 20 5.12 6.52 2.10
C LYS A 20 6.51 7.08 2.35
N ASN A 21 6.88 8.10 1.55
CA ASN A 21 8.13 8.82 1.69
C ASN A 21 9.38 7.96 1.66
N GLY A 22 9.34 6.92 0.86
CA GLY A 22 10.50 6.07 0.64
C GLY A 22 11.09 5.37 1.82
N ARG A 23 10.27 5.16 2.85
CA ARG A 23 10.70 4.43 4.03
CA ARG A 23 10.71 4.45 4.05
C ARG A 23 9.52 3.90 4.82
N TYR A 24 9.75 2.89 5.70
CA TYR A 24 8.66 2.35 6.54
C TYR A 24 8.21 3.49 7.45
N SER A 25 7.02 4.02 7.23
CA SER A 25 6.62 5.22 7.97
C SER A 25 5.18 5.38 8.28
N ILE A 26 4.41 4.30 8.10
CA ILE A 26 2.97 4.36 8.29
C ILE A 26 2.58 3.59 9.51
N SER A 27 1.78 4.20 10.37
CA SER A 27 1.23 3.52 11.53
C SER A 27 -0.02 2.72 11.11
N ARG A 28 -0.56 1.83 11.97
CA ARG A 28 -1.78 1.10 11.60
C ARG A 28 -2.95 2.06 11.39
N THR A 29 -3.05 3.13 12.20
CA THR A 29 -4.15 4.09 12.02
C THR A 29 -4.00 4.86 10.74
N GLU A 30 -2.77 5.30 10.42
CA GLU A 30 -2.56 6.04 9.18
CA GLU A 30 -2.56 6.04 9.18
C GLU A 30 -2.82 5.15 7.98
N ALA A 31 -2.50 3.87 8.08
CA ALA A 31 -2.67 2.94 6.98
C ALA A 31 -4.15 2.83 6.62
N ALA A 32 -5.01 2.74 7.65
CA ALA A 32 -6.45 2.65 7.37
C ALA A 32 -6.96 3.91 6.66
N ASP A 33 -6.50 5.07 7.13
CA ASP A 33 -6.90 6.35 6.53
C ASP A 33 -6.37 6.51 5.11
N LEU A 34 -5.13 6.04 4.90
CA LEU A 34 -4.49 6.15 3.58
C LEU A 34 -5.24 5.29 2.60
N CYS A 35 -5.56 4.04 2.96
CA CYS A 35 -6.35 3.20 2.04
C CYS A 35 -7.69 3.83 1.78
N GLN A 36 -8.34 4.43 2.80
CA GLN A 36 -9.63 5.07 2.61
CA GLN A 36 -9.63 5.06 2.61
C GLN A 36 -9.53 6.20 1.58
N ALA A 37 -8.39 6.93 1.56
CA ALA A 37 -8.20 7.99 0.57
C ALA A 37 -8.13 7.42 -0.87
N PHE A 38 -7.72 6.16 -1.02
CA PHE A 38 -7.70 5.47 -2.28
C PHE A 38 -9.05 4.73 -2.50
N ASN A 39 -10.13 5.04 -1.73
CA ASN A 39 -11.44 4.34 -1.82
C ASN A 39 -11.20 2.83 -1.63
N SER A 40 -10.33 2.52 -0.66
CA SER A 40 -9.84 1.18 -0.47
C SER A 40 -9.83 0.88 1.02
N THR A 41 -9.56 -0.37 1.34
CA THR A 41 -9.51 -0.81 2.71
C THR A 41 -8.25 -1.66 2.91
N LEU A 42 -7.89 -1.95 4.17
CA LEU A 42 -6.77 -2.87 4.39
CA LEU A 42 -6.78 -2.87 4.44
C LEU A 42 -7.24 -4.23 3.92
N PRO A 43 -6.44 -4.92 3.10
CA PRO A 43 -6.90 -6.22 2.58
C PRO A 43 -7.08 -7.22 3.69
N THR A 44 -8.00 -8.16 3.47
CA THR A 44 -8.11 -9.27 4.40
C THR A 44 -7.02 -10.24 3.97
N MET A 45 -6.69 -11.20 4.82
CA MET A 45 -5.74 -12.24 4.49
C MET A 45 -6.18 -13.01 3.22
N ASP A 46 -7.47 -13.30 3.10
CA ASP A 46 -8.01 -13.98 1.92
C ASP A 46 -7.82 -13.15 0.66
N GLN A 47 -8.14 -11.85 0.73
CA GLN A 47 -7.90 -10.98 -0.43
C GLN A 47 -6.42 -10.95 -0.83
N MET A 48 -5.53 -10.90 0.16
CA MET A 48 -4.10 -10.85 -0.13
C MET A 48 -3.64 -12.18 -0.72
N LYS A 49 -4.17 -13.30 -0.22
CA LYS A 49 -3.80 -14.61 -0.78
C LYS A 49 -4.23 -14.71 -2.24
N LEU A 50 -5.43 -14.22 -2.56
CA LEU A 50 -5.86 -14.25 -3.97
C LEU A 50 -4.98 -13.32 -4.82
N ALA A 51 -4.60 -12.13 -4.31
CA ALA A 51 -3.72 -11.24 -5.06
C ALA A 51 -2.38 -11.92 -5.32
N LEU A 52 -1.85 -12.62 -4.31
CA LEU A 52 -0.60 -13.38 -4.45
CA LEU A 52 -0.60 -13.36 -4.47
C LEU A 52 -0.74 -14.39 -5.60
N SER A 53 -1.85 -15.14 -5.62
CA SER A 53 -2.08 -16.14 -6.68
C SER A 53 -2.14 -15.56 -8.09
N LYS A 54 -2.48 -14.29 -8.22
CA LYS A 54 -2.54 -13.60 -9.52
C LYS A 54 -1.19 -12.98 -9.93
N GLY A 55 -0.17 -13.06 -9.06
CA GLY A 55 1.15 -12.57 -9.41
C GLY A 55 1.74 -11.50 -8.53
N PHE A 56 1.07 -11.17 -7.41
CA PHE A 56 1.56 -10.12 -6.52
C PHE A 56 2.65 -10.52 -5.58
N GLU A 57 3.78 -9.82 -5.65
CA GLU A 57 4.79 -9.98 -4.64
C GLU A 57 5.49 -8.67 -4.40
N THR A 58 5.96 -8.47 -3.17
CA THR A 58 6.80 -7.30 -2.86
C THR A 58 7.97 -7.80 -2.01
N CYS A 59 8.86 -6.91 -1.65
CA CYS A 59 9.91 -7.20 -0.71
C CYS A 59 9.81 -6.23 0.47
N ARG A 60 8.57 -5.85 0.88
CA ARG A 60 8.34 -4.88 1.92
C ARG A 60 7.24 -5.27 2.85
N TYR A 61 7.45 -5.07 4.15
CA TYR A 61 6.42 -5.31 5.14
C TYR A 61 5.37 -4.27 5.02
N GLY A 62 4.12 -4.72 5.04
CA GLY A 62 3.02 -3.77 5.00
C GLY A 62 1.80 -4.33 5.72
N PHE A 63 0.95 -3.43 6.22
CA PHE A 63 -0.26 -3.86 6.91
C PHE A 63 -1.26 -4.45 5.97
N ILE A 64 -1.92 -5.49 6.47
CA ILE A 64 -3.21 -5.96 5.97
C ILE A 64 -4.12 -5.92 7.24
N GLU A 65 -5.36 -6.37 7.13
CA GLU A 65 -6.23 -6.48 8.31
C GLU A 65 -5.65 -7.57 9.21
N GLY A 66 -5.29 -7.18 10.43
CA GLY A 66 -4.85 -8.06 11.52
C GLY A 66 -3.36 -8.36 11.56
N ASN A 67 -2.64 -8.24 10.44
CA ASN A 67 -1.23 -8.59 10.42
C ASN A 67 -0.39 -7.69 9.52
N VAL A 68 0.94 -7.82 9.65
CA VAL A 68 1.92 -7.16 8.81
C VAL A 68 2.58 -8.27 7.99
N VAL A 69 2.49 -8.19 6.63
CA VAL A 69 2.92 -9.33 5.82
C VAL A 69 3.80 -8.88 4.64
N ILE A 70 4.44 -9.87 3.99
CA ILE A 70 5.10 -9.69 2.72
C ILE A 70 4.58 -10.81 1.81
N PRO A 71 3.90 -10.48 0.70
CA PRO A 71 3.51 -11.51 -0.26
C PRO A 71 4.72 -11.91 -1.10
N ARG A 72 5.04 -13.20 -1.13
CA ARG A 72 6.19 -13.69 -1.88
C ARG A 72 5.85 -14.79 -2.83
N ILE A 73 6.30 -14.68 -4.08
CA ILE A 73 6.13 -15.76 -5.04
C ILE A 73 7.46 -16.46 -5.20
N HIS A 74 8.55 -15.70 -5.43
CA HIS A 74 9.85 -16.30 -5.67
C HIS A 74 10.69 -16.25 -4.41
N PRO A 75 11.30 -17.36 -4.02
CA PRO A 75 12.14 -17.35 -2.81
C PRO A 75 13.34 -16.46 -3.04
N ASN A 76 13.52 -15.46 -2.18
CA ASN A 76 14.67 -14.55 -2.25
C ASN A 76 15.18 -14.42 -0.82
N ALA A 77 16.50 -14.65 -0.59
CA ALA A 77 17.07 -14.63 0.76
C ALA A 77 16.89 -13.33 1.52
N ILE A 78 16.84 -12.20 0.82
CA ILE A 78 16.68 -10.91 1.49
C ILE A 78 15.21 -10.42 1.54
N CYS A 79 14.24 -11.28 1.12
CA CYS A 79 12.84 -10.92 1.17
C CYS A 79 12.07 -11.97 1.93
N ALA A 80 11.63 -11.63 3.15
CA ALA A 80 10.88 -12.56 4.02
C ALA A 80 11.66 -13.86 4.24
N ALA A 81 12.96 -13.74 4.45
CA ALA A 81 13.83 -14.89 4.73
C ALA A 81 13.64 -16.10 3.77
N ASN A 82 13.56 -15.84 2.45
CA ASN A 82 13.44 -16.89 1.43
C ASN A 82 12.08 -17.65 1.42
N HIS A 83 11.10 -17.16 2.19
CA HIS A 83 9.80 -17.82 2.20
C HIS A 83 8.99 -17.46 0.98
N THR A 84 7.99 -18.29 0.68
CA THR A 84 7.01 -18.03 -0.36
C THR A 84 5.66 -17.98 0.33
N GLY A 85 4.66 -17.47 -0.36
CA GLY A 85 3.33 -17.35 0.21
C GLY A 85 3.20 -16.00 0.89
N VAL A 86 2.13 -15.81 1.66
CA VAL A 86 1.97 -14.56 2.39
C VAL A 86 2.76 -14.75 3.66
N TYR A 87 3.92 -14.12 3.74
CA TYR A 87 4.77 -14.23 4.91
C TYR A 87 4.25 -13.29 5.96
N ILE A 88 4.02 -13.83 7.15
CA ILE A 88 3.52 -13.04 8.24
C ILE A 88 4.64 -12.62 9.17
N LEU A 89 4.72 -11.32 9.48
CA LEU A 89 5.73 -10.83 10.43
C LEU A 89 5.30 -11.27 11.81
N VAL A 90 6.19 -11.94 12.55
CA VAL A 90 5.80 -12.46 13.87
C VAL A 90 6.40 -11.59 14.96
N THR A 91 7.70 -11.26 14.86
CA THR A 91 8.37 -10.57 15.96
C THR A 91 9.07 -9.32 15.49
N SER A 92 8.64 -8.20 16.02
CA SER A 92 9.22 -6.92 15.69
C SER A 92 9.07 -6.00 16.90
N ASN A 93 10.08 -5.17 17.15
CA ASN A 93 9.92 -4.18 18.21
C ASN A 93 9.06 -3.02 17.81
N THR A 94 8.96 -2.73 16.50
CA THR A 94 8.50 -1.47 15.95
C THR A 94 7.15 -1.51 15.28
N SER A 95 6.52 -0.33 15.12
CA SER A 95 5.13 -0.24 14.73
C SER A 95 4.86 0.34 13.36
N HIS A 96 5.88 0.86 12.65
CA HIS A 96 5.66 1.56 11.38
C HIS A 96 6.12 0.76 10.19
N TYR A 97 5.21 0.58 9.21
CA TYR A 97 5.52 -0.24 8.05
C TYR A 97 5.02 0.50 6.79
N ASP A 98 4.93 -0.20 5.67
CA ASP A 98 4.23 0.31 4.51
C ASP A 98 2.79 -0.21 4.71
N THR A 99 1.94 -0.05 3.68
CA THR A 99 0.62 -0.65 3.75
C THR A 99 0.24 -1.27 2.48
N TYR A 100 -0.66 -2.26 2.56
CA TYR A 100 -1.36 -2.75 1.39
C TYR A 100 -2.73 -2.15 1.46
N CYS A 101 -3.36 -2.01 0.29
CA CYS A 101 -4.74 -1.53 0.20
C CYS A 101 -5.46 -2.40 -0.79
N PHE A 102 -6.79 -2.49 -0.64
CA PHE A 102 -7.63 -3.28 -1.54
C PHE A 102 -8.72 -2.38 -2.08
N ASN A 103 -8.80 -2.28 -3.40
CA ASN A 103 -9.87 -1.53 -4.05
C ASN A 103 -10.76 -2.52 -4.81
N ALA A 104 -12.02 -2.65 -4.39
CA ALA A 104 -12.94 -3.61 -4.97
C ALA A 104 -13.29 -3.35 -6.41
N SER A 105 -13.13 -2.11 -6.92
CA SER A 105 -13.50 -1.79 -8.31
CA SER A 105 -13.52 -1.82 -8.30
C SER A 105 -12.39 -2.01 -9.30
N ALA A 106 -11.19 -2.43 -8.84
CA ALA A 106 -10.05 -2.68 -9.70
C ALA A 106 -10.31 -3.95 -10.52
N PRO A 107 -9.52 -4.22 -11.57
CA PRO A 107 -9.72 -5.45 -12.35
C PRO A 107 -9.49 -6.71 -11.49
N PRO A 108 -9.98 -7.86 -11.95
CA PRO A 108 -9.89 -9.08 -11.11
C PRO A 108 -8.48 -9.68 -11.02
N GLU A 109 -7.63 -9.43 -12.03
CA GLU A 109 -6.33 -10.07 -12.02
C GLU A 109 -5.20 -9.01 -12.01
N GLU A 110 -4.17 -9.14 -12.84
CA GLU A 110 -3.07 -8.19 -12.82
C GLU A 110 -3.49 -6.92 -13.54
N ASP A 111 -3.36 -5.80 -12.86
CA ASP A 111 -3.60 -4.50 -13.45
C ASP A 111 -2.35 -3.67 -13.20
N CYS A 112 -1.51 -3.60 -14.23
CA CYS A 112 -0.28 -2.84 -14.14
C CYS A 112 -0.37 -1.52 -14.90
N THR A 113 -1.60 -0.95 -14.98
CA THR A 113 -1.72 0.41 -15.44
C THR A 113 -1.36 1.26 -14.21
N SER A 114 -1.22 2.56 -14.42
CA SER A 114 -0.84 3.43 -13.31
CA SER A 114 -0.86 3.47 -13.33
C SER A 114 -2.05 3.87 -12.46
N VAL A 115 -1.78 4.28 -11.23
CA VAL A 115 -2.77 4.84 -10.35
C VAL A 115 -2.75 6.34 -10.70
N THR A 116 -3.92 6.89 -11.01
CA THR A 116 -4.03 8.25 -11.53
C THR A 116 -4.88 9.16 -10.66
N ASP A 117 -5.24 8.75 -9.44
CA ASP A 117 -6.04 9.59 -8.55
C ASP A 117 -5.94 9.05 -7.14
N LEU A 118 -6.29 9.90 -6.18
CA LEU A 118 -6.43 9.62 -4.75
C LEU A 118 -7.87 10.13 -4.57
N PRO A 119 -8.86 9.31 -4.96
CA PRO A 119 -10.23 9.83 -5.11
C PRO A 119 -10.94 10.29 -3.88
N ASN A 120 -10.58 9.74 -2.73
CA ASN A 120 -11.28 10.06 -1.51
C ASN A 120 -10.44 10.84 -0.52
N SER A 121 -9.38 11.55 -0.97
CA SER A 121 -8.64 12.42 -0.06
C SER A 121 -9.54 13.61 0.25
N PHE A 122 -9.31 14.24 1.38
CA PHE A 122 -10.12 15.38 1.76
C PHE A 122 -9.35 16.68 1.66
N ASP A 123 -10.03 17.80 1.93
CA ASP A 123 -9.40 19.10 1.88
C ASP A 123 -8.25 19.17 2.89
N GLY A 124 -7.18 19.82 2.50
CA GLY A 124 -6.04 19.96 3.36
C GLY A 124 -4.89 20.66 2.69
N PRO A 125 -3.82 20.85 3.47
CA PRO A 125 -2.68 21.64 2.97
C PRO A 125 -1.52 20.88 2.35
N VAL A 126 -1.57 19.54 2.37
CA VAL A 126 -0.45 18.74 1.91
C VAL A 126 -0.43 18.53 0.40
N THR A 127 0.75 18.61 -0.24
CA THR A 127 0.84 18.24 -1.65
C THR A 127 1.12 16.73 -1.59
N ILE A 128 0.15 15.93 -2.01
CA ILE A 128 0.29 14.48 -1.97
C ILE A 128 0.59 14.05 -3.37
N THR A 129 1.69 13.30 -3.57
CA THR A 129 2.02 12.85 -4.92
C THR A 129 2.02 11.37 -4.98
N ILE A 130 1.23 10.81 -5.88
CA ILE A 130 1.23 9.39 -6.12
CA ILE A 130 1.21 9.40 -6.13
C ILE A 130 2.32 9.15 -7.13
N VAL A 131 3.24 8.27 -6.82
CA VAL A 131 4.35 7.93 -7.68
C VAL A 131 4.20 6.51 -8.12
N ASN A 132 4.05 6.30 -9.43
CA ASN A 132 3.97 4.95 -9.97
C ASN A 132 5.34 4.34 -10.20
N ARG A 133 5.39 3.03 -10.38
CA ARG A 133 6.66 2.34 -10.59
CA ARG A 133 6.68 2.35 -10.59
C ARG A 133 7.35 2.81 -11.87
N ASP A 134 6.55 3.19 -12.88
CA ASP A 134 7.09 3.72 -14.12
C ASP A 134 7.42 5.24 -14.06
N GLY A 135 7.35 5.81 -12.86
CA GLY A 135 7.71 7.18 -12.60
C GLY A 135 6.59 8.17 -12.77
N THR A 136 5.49 7.76 -13.44
CA THR A 136 4.40 8.71 -13.69
C THR A 136 3.80 9.18 -12.41
N ARG A 137 3.46 10.45 -12.35
CA ARG A 137 3.00 11.05 -11.11
CA ARG A 137 3.00 11.05 -11.11
C ARG A 137 1.69 11.75 -11.20
N TYR A 138 0.95 11.73 -10.10
CA TYR A 138 -0.33 12.42 -9.98
C TYR A 138 -0.24 13.14 -8.66
N SER A 139 -0.43 14.44 -8.64
CA SER A 139 -0.36 15.21 -7.41
C SER A 139 -1.63 15.96 -7.16
N LYS A 140 -1.99 16.06 -5.89
CA LYS A 140 -3.16 16.82 -5.48
C LYS A 140 -2.93 17.35 -4.09
N LYS A 141 -3.53 18.51 -3.80
CA LYS A 141 -3.45 19.10 -2.49
C LYS A 141 -4.57 18.54 -1.64
N GLY A 142 -4.25 18.08 -0.45
CA GLY A 142 -5.25 17.55 0.45
C GLY A 142 -4.69 17.00 1.71
N GLU A 143 -5.41 16.05 2.26
CA GLU A 143 -5.03 15.39 3.49
C GLU A 143 -5.82 14.09 3.51
N TYR A 144 -5.30 13.08 4.20
CA TYR A 144 -6.04 11.83 4.39
C TYR A 144 -5.98 11.37 5.88
N ARG A 145 -5.13 11.98 6.70
CA ARG A 145 -4.91 11.57 8.08
C ARG A 145 -5.96 12.15 8.99
N THR A 146 -6.65 11.28 9.69
CA THR A 146 -7.70 11.71 10.62
C THR A 146 -7.26 11.65 12.08
N HIS A 147 -6.14 11.01 12.39
CA HIS A 147 -5.65 10.92 13.78
C HIS A 147 -4.52 11.90 13.97
N GLN A 148 -4.63 12.82 14.95
CA GLN A 148 -3.59 13.82 15.22
C GLN A 148 -2.21 13.22 15.45
N GLU A 149 -2.13 12.09 16.17
CA GLU A 149 -0.84 11.44 16.44
C GLU A 149 -0.09 11.01 15.17
N ASP A 150 -0.78 10.94 14.02
CA ASP A 150 -0.13 10.60 12.75
C ASP A 150 0.37 11.82 11.99
N ILE A 151 0.04 13.04 12.42
CA ILE A 151 0.48 14.25 11.73
C ILE A 151 1.69 14.89 12.38
C10 89W B . -6.77 3.66 -8.51
C13 89W B . -7.14 2.62 -6.01
C15 89W B . -6.42 2.33 -8.23
O01 89W B . -6.13 5.29 -10.10
C02 89W B . -6.56 4.20 -9.90
N03 89W B . -6.90 3.31 -10.97
C04 89W B . -6.66 3.75 -12.30
C05 89W B . -7.93 4.19 -12.96
C06 89W B . -7.75 4.37 -14.43
C07 89W B . -7.16 3.13 -15.10
N08 89W B . -6.00 2.52 -14.39
C09 89W B . -6.03 2.50 -12.90
C11 89W B . -7.31 4.49 -7.54
C12 89W B . -7.50 3.94 -6.29
C14 89W B . -6.61 1.79 -6.97
S DMS C . 2.59 1.67 -13.08
O DMS C . 4.10 1.77 -12.91
C1 DMS C . 2.39 1.58 -14.86
C2 DMS C . 2.21 -0.02 -12.62
S DMS D . 6.60 -20.85 3.33
O DMS D . 7.83 -20.45 2.57
C1 DMS D . 7.11 -22.29 4.21
C2 DMS D . 5.54 -21.71 2.20
C1 EDO E . -12.60 -1.36 -1.19
O1 EDO E . -13.07 -0.63 -2.33
C2 EDO E . -13.77 -1.99 -0.41
O2 EDO E . -13.31 -3.00 0.51
C1 EDO F . -9.54 0.70 -9.71
O1 EDO F . -8.68 0.92 -10.81
C2 EDO F . -10.53 1.85 -9.66
O2 EDO F . -11.29 1.75 -10.85
#